data_1OJQ
#
_entry.id   1OJQ
#
_cell.length_a   39.616
_cell.length_b   64.525
_cell.length_c   74.984
_cell.angle_alpha   90.00
_cell.angle_beta   90.00
_cell.angle_gamma   90.00
#
_symmetry.space_group_name_H-M   'P 21 21 21'
#
loop_
_entity.id
_entity.type
_entity.pdbx_description
1 polymer ADP-RIBOSYLTRANSFERASE
2 water water
#
_entity_poly.entity_id   1
_entity_poly.type   'polypeptide(L)'
_entity_poly.pdbx_seq_one_letter_code
;AETKNFTDLVEATKWGNSLIKSAKYSSKDKMAIYNYTKNSSPINTPLRSANGDVNKLSENIQEQVRQLDSTISKSVTPDS
VYVYRLLNLDYLSSITGFTREDLHMLQQTNNGQYNEALVSKLNNLMNSRIYRENGYSSTQLVSGAALAGRPIELKLELPK
GTKAAYIDSKELTAYPGQQEVLLPRGTEYAVGSVKLSDNKRKIIITAVVFKK
;
_entity_poly.pdbx_strand_id   A
#
# COMPACT_ATOMS: atom_id res chain seq x y z
N ALA A 1 -2.66 -1.92 22.71
CA ALA A 1 -1.34 -1.33 22.79
C ALA A 1 -1.21 -0.15 21.83
N GLU A 2 -0.13 0.66 21.88
CA GLU A 2 -0.14 1.77 20.93
C GLU A 2 0.06 1.31 19.49
N THR A 3 -0.41 2.13 18.56
CA THR A 3 -0.10 2.01 17.14
C THR A 3 1.24 2.66 16.88
N LYS A 4 2.08 2.05 16.06
CA LYS A 4 3.37 2.64 15.70
C LYS A 4 3.21 3.55 14.49
N ASN A 5 4.01 4.60 14.43
CA ASN A 5 4.04 5.46 13.26
C ASN A 5 5.47 5.97 13.09
N PHE A 6 6.14 5.66 12.00
CA PHE A 6 7.56 5.94 11.83
C PHE A 6 7.84 7.16 10.98
N THR A 7 8.73 8.01 11.49
CA THR A 7 9.29 9.08 10.68
C THR A 7 10.81 8.97 10.56
N ASP A 8 11.40 8.18 11.44
CA ASP A 8 12.85 8.00 11.50
C ASP A 8 13.26 6.71 10.77
N LEU A 9 14.05 6.84 9.72
CA LEU A 9 14.48 5.68 8.93
C LEU A 9 15.14 4.61 9.76
N VAL A 10 15.95 5.02 10.74
CA VAL A 10 16.67 4.05 11.56
C VAL A 10 15.71 3.25 12.42
N GLU A 11 14.70 3.90 13.00
CA GLU A 11 13.74 3.14 13.79
C GLU A 11 12.82 2.28 12.95
N ALA A 12 12.41 2.74 11.77
CA ALA A 12 11.60 1.86 10.92
C ALA A 12 12.38 0.60 10.53
N THR A 13 13.67 0.75 10.17
CA THR A 13 14.49 -0.41 9.84
C THR A 13 14.57 -1.38 11.00
N LYS A 14 14.76 -0.86 12.21
CA LYS A 14 14.86 -1.74 13.38
C LYS A 14 13.60 -2.57 13.56
N TRP A 15 12.47 -1.86 13.48
CA TRP A 15 11.16 -2.51 13.63
C TRP A 15 10.94 -3.51 12.49
N GLY A 16 11.15 -3.04 11.26
CA GLY A 16 11.00 -3.93 10.13
C GLY A 16 11.86 -5.17 10.19
N ASN A 17 13.14 -5.06 10.56
CA ASN A 17 14.01 -6.22 10.65
C ASN A 17 13.48 -7.27 11.62
N SER A 18 12.66 -6.83 12.58
CA SER A 18 12.10 -7.81 13.53
C SER A 18 11.08 -8.68 12.80
N LEU A 19 10.38 -8.11 11.81
CA LEU A 19 9.49 -8.99 11.05
C LEU A 19 10.31 -9.96 10.21
N ILE A 20 11.41 -9.46 9.64
CA ILE A 20 12.17 -10.34 8.75
C ILE A 20 12.73 -11.50 9.56
N LYS A 21 13.26 -11.16 10.74
CA LYS A 21 13.79 -12.19 11.63
C LYS A 21 12.75 -13.27 11.88
N SER A 22 11.52 -12.84 12.15
CA SER A 22 10.50 -13.84 12.51
C SER A 22 10.13 -14.72 11.32
N ALA A 23 10.30 -14.22 10.10
CA ALA A 23 9.82 -14.99 8.95
C ALA A 23 10.74 -16.14 8.54
N LYS A 24 12.03 -16.10 8.86
CA LYS A 24 12.98 -17.16 8.52
C LYS A 24 12.92 -17.48 7.03
N TYR A 25 13.09 -16.46 6.21
CA TYR A 25 12.90 -16.63 4.78
C TYR A 25 13.85 -17.68 4.20
N SER A 26 13.33 -18.49 3.28
CA SER A 26 14.10 -19.42 2.47
C SER A 26 14.64 -18.74 1.22
N SER A 27 15.48 -19.43 0.44
CA SER A 27 15.98 -18.83 -0.80
C SER A 27 14.83 -18.52 -1.73
N LYS A 28 13.81 -19.39 -1.75
CA LYS A 28 12.68 -19.14 -2.64
C LYS A 28 11.87 -17.91 -2.22
N ASP A 29 11.72 -17.73 -0.92
CA ASP A 29 11.06 -16.54 -0.38
C ASP A 29 11.76 -15.30 -0.90
N LYS A 30 13.09 -15.33 -0.80
CA LYS A 30 13.84 -14.13 -1.22
C LYS A 30 13.64 -13.82 -2.69
N MET A 31 13.67 -14.87 -3.51
CA MET A 31 13.53 -14.75 -4.95
C MET A 31 12.15 -14.20 -5.33
N ALA A 32 11.13 -14.73 -4.65
CA ALA A 32 9.77 -14.28 -4.94
C ALA A 32 9.60 -12.81 -4.62
N ILE A 33 10.07 -12.40 -3.44
CA ILE A 33 9.86 -10.98 -3.11
C ILE A 33 10.67 -10.12 -4.08
N TYR A 34 11.92 -10.49 -4.35
CA TYR A 34 12.76 -9.66 -5.22
C TYR A 34 12.11 -9.52 -6.59
N ASN A 35 11.74 -10.65 -7.19
CA ASN A 35 11.14 -10.61 -8.52
C ASN A 35 9.86 -9.78 -8.54
N TYR A 36 9.07 -9.83 -7.48
CA TYR A 36 7.87 -8.98 -7.42
C TYR A 36 8.25 -7.52 -7.48
N THR A 37 9.23 -7.10 -6.69
CA THR A 37 9.63 -5.69 -6.65
C THR A 37 10.18 -5.22 -8.00
N LYS A 38 10.80 -6.10 -8.79
CA LYS A 38 11.32 -5.78 -10.11
C LYS A 38 10.25 -5.49 -11.16
N ASN A 39 9.16 -6.23 -11.06
CA ASN A 39 8.20 -6.44 -12.14
C ASN A 39 6.91 -7.07 -11.61
N SER A 40 6.04 -6.25 -11.08
CA SER A 40 4.81 -6.72 -10.47
C SER A 40 3.70 -6.89 -11.49
N SER A 41 3.78 -6.18 -12.62
CA SER A 41 2.64 -6.24 -13.54
C SER A 41 2.29 -7.63 -14.03
N PRO A 42 3.18 -8.57 -14.31
CA PRO A 42 2.71 -9.88 -14.79
C PRO A 42 1.86 -10.68 -13.80
N ILE A 43 1.90 -10.26 -12.55
CA ILE A 43 1.10 -10.84 -11.48
C ILE A 43 -0.08 -9.95 -11.17
N ASN A 44 0.20 -8.65 -11.02
CA ASN A 44 -0.87 -7.69 -10.69
C ASN A 44 -1.99 -7.71 -11.71
N THR A 45 -1.67 -7.57 -13.00
CA THR A 45 -2.76 -7.45 -13.97
C THR A 45 -3.65 -8.68 -14.05
N PRO A 46 -3.11 -9.89 -14.17
CA PRO A 46 -3.99 -11.05 -14.18
C PRO A 46 -4.80 -11.21 -12.89
N LEU A 47 -4.20 -10.88 -11.75
CA LEU A 47 -4.94 -11.10 -10.50
C LEU A 47 -6.14 -10.16 -10.49
N ARG A 48 -5.93 -8.93 -10.98
CA ARG A 48 -7.06 -8.01 -11.04
C ARG A 48 -8.12 -8.50 -12.03
N SER A 49 -7.67 -8.88 -13.22
CA SER A 49 -8.61 -9.39 -14.21
C SER A 49 -9.41 -10.58 -13.70
N ALA A 50 -8.78 -11.42 -12.89
CA ALA A 50 -9.39 -12.66 -12.41
C ALA A 50 -10.21 -12.43 -11.15
N ASN A 51 -10.24 -11.16 -10.75
CA ASN A 51 -10.89 -10.79 -9.50
C ASN A 51 -10.39 -11.68 -8.36
N GLY A 52 -9.11 -12.01 -8.36
CA GLY A 52 -8.52 -12.76 -7.25
C GLY A 52 -8.66 -14.27 -7.35
N ASP A 53 -9.26 -14.79 -8.42
CA ASP A 53 -9.41 -16.24 -8.51
C ASP A 53 -8.14 -16.87 -9.08
N VAL A 54 -7.29 -17.40 -8.19
CA VAL A 54 -6.01 -17.93 -8.63
C VAL A 54 -6.22 -19.02 -9.67
N ASN A 55 -7.36 -19.72 -9.59
CA ASN A 55 -7.54 -20.84 -10.49
C ASN A 55 -7.80 -20.38 -11.93
N LYS A 56 -7.83 -19.09 -12.19
CA LYS A 56 -7.97 -18.54 -13.52
C LYS A 56 -6.65 -18.13 -14.13
N LEU A 57 -5.57 -18.23 -13.39
CA LEU A 57 -4.29 -17.72 -13.88
C LEU A 57 -3.50 -18.76 -14.66
N SER A 58 -2.51 -18.26 -15.39
CA SER A 58 -1.55 -19.11 -16.09
C SER A 58 -0.82 -20.00 -15.11
N GLU A 59 -0.22 -21.12 -15.53
CA GLU A 59 0.46 -21.93 -14.51
C GLU A 59 1.65 -21.24 -13.87
N ASN A 60 2.39 -20.44 -14.66
CA ASN A 60 3.55 -19.82 -14.04
C ASN A 60 3.12 -18.81 -12.99
N ILE A 61 2.09 -18.03 -13.32
CA ILE A 61 1.59 -17.02 -12.38
C ILE A 61 0.91 -17.68 -11.18
N GLN A 62 0.15 -18.76 -11.34
CA GLN A 62 -0.38 -19.44 -10.16
C GLN A 62 0.75 -19.85 -9.20
N GLU A 63 1.83 -20.39 -9.73
CA GLU A 63 2.91 -20.84 -8.85
C GLU A 63 3.54 -19.66 -8.12
N GLN A 64 3.66 -18.54 -8.84
CA GLN A 64 4.21 -17.33 -8.23
C GLN A 64 3.30 -16.75 -7.17
N VAL A 65 1.99 -16.80 -7.42
CA VAL A 65 1.00 -16.33 -6.43
C VAL A 65 0.99 -17.24 -5.20
N ARG A 66 0.94 -18.57 -5.35
CA ARG A 66 1.02 -19.40 -4.14
C ARG A 66 2.28 -19.10 -3.34
N GLN A 67 3.39 -18.91 -4.07
CA GLN A 67 4.66 -18.62 -3.42
C GLN A 67 4.59 -17.30 -2.65
N LEU A 68 4.18 -16.21 -3.31
CA LEU A 68 4.23 -14.90 -2.62
C LEU A 68 3.24 -14.88 -1.46
N ASP A 69 2.09 -15.54 -1.63
CA ASP A 69 1.13 -15.64 -0.54
C ASP A 69 1.78 -16.31 0.66
N SER A 70 2.51 -17.40 0.38
CA SER A 70 3.16 -18.11 1.47
C SER A 70 4.24 -17.27 2.13
N THR A 71 5.06 -16.61 1.29
CA THR A 71 6.10 -15.76 1.85
C THR A 71 5.56 -14.68 2.78
N ILE A 72 4.51 -13.98 2.34
CA ILE A 72 3.94 -12.88 3.16
C ILE A 72 3.39 -13.43 4.46
N SER A 73 2.80 -14.59 4.43
CA SER A 73 2.14 -15.21 5.59
C SER A 73 3.16 -15.58 6.65
N LYS A 74 4.45 -15.56 6.33
CA LYS A 74 5.48 -15.96 7.30
C LYS A 74 5.74 -14.92 8.36
N SER A 75 5.21 -13.71 8.18
CA SER A 75 5.34 -12.73 9.26
C SER A 75 4.03 -11.97 9.45
N VAL A 76 3.81 -11.63 10.71
CA VAL A 76 2.68 -10.77 11.05
C VAL A 76 3.21 -9.53 11.76
N THR A 77 2.41 -8.46 11.74
CA THR A 77 2.88 -7.27 12.43
C THR A 77 2.94 -7.47 13.94
N PRO A 78 4.06 -7.15 14.57
CA PRO A 78 4.16 -7.29 16.03
C PRO A 78 3.48 -6.16 16.78
N ASP A 79 3.09 -5.09 16.10
CA ASP A 79 2.31 -3.99 16.66
C ASP A 79 1.28 -3.51 15.63
N SER A 80 0.21 -2.88 16.09
CA SER A 80 -0.60 -2.10 15.15
C SER A 80 0.32 -1.04 14.55
N VAL A 81 0.24 -0.74 13.26
CA VAL A 81 1.18 0.23 12.69
C VAL A 81 0.58 0.95 11.49
N TYR A 82 0.97 2.20 11.24
CA TYR A 82 0.57 2.83 9.98
C TYR A 82 1.59 2.57 8.88
N VAL A 83 1.10 2.26 7.68
CA VAL A 83 1.98 2.25 6.51
C VAL A 83 1.37 3.21 5.49
N TYR A 84 2.16 3.60 4.49
CA TYR A 84 1.75 4.62 3.55
C TYR A 84 1.91 4.19 2.11
N ARG A 85 1.07 4.77 1.25
CA ARG A 85 1.20 4.50 -0.19
C ARG A 85 1.00 5.82 -0.91
N LEU A 86 2.00 6.25 -1.65
CA LEU A 86 1.96 7.55 -2.32
C LEU A 86 1.35 7.31 -3.71
N LEU A 87 0.35 8.08 -4.10
CA LEU A 87 -0.40 7.77 -5.31
C LEU A 87 -0.57 8.98 -6.21
N ASN A 88 -0.68 8.72 -7.51
CA ASN A 88 -1.01 9.74 -8.49
C ASN A 88 -2.50 10.01 -8.49
N LEU A 89 -2.95 11.12 -9.08
CA LEU A 89 -4.38 11.39 -8.99
C LEU A 89 -5.25 10.36 -9.71
N ASP A 90 -4.71 9.58 -10.64
CA ASP A 90 -5.56 8.64 -11.39
C ASP A 90 -6.06 7.53 -10.50
N TYR A 91 -5.49 7.41 -9.29
CA TYR A 91 -6.09 6.55 -8.28
C TYR A 91 -7.56 6.93 -8.07
N LEU A 92 -7.94 8.19 -8.28
CA LEU A 92 -9.32 8.61 -8.00
C LEU A 92 -10.25 8.40 -9.18
N SER A 93 -9.75 7.81 -10.26
CA SER A 93 -10.55 7.80 -11.49
C SER A 93 -11.66 6.76 -11.38
N SER A 94 -11.62 5.92 -10.34
CA SER A 94 -12.76 5.00 -10.22
C SER A 94 -13.59 5.24 -8.98
N ILE A 95 -13.48 6.42 -8.37
CA ILE A 95 -14.30 6.72 -7.21
C ILE A 95 -15.70 7.14 -7.61
N THR A 96 -16.74 6.38 -7.27
CA THR A 96 -18.07 6.77 -7.74
C THR A 96 -18.50 8.16 -7.28
N GLY A 97 -19.09 8.97 -8.13
CA GLY A 97 -19.56 10.30 -7.91
C GLY A 97 -18.48 11.38 -8.06
N PHE A 98 -17.21 10.98 -8.18
CA PHE A 98 -16.10 11.93 -8.39
C PHE A 98 -15.81 11.95 -9.89
N THR A 99 -16.29 13.01 -10.58
CA THR A 99 -16.37 12.91 -12.02
C THR A 99 -15.03 13.22 -12.68
N ARG A 100 -14.94 12.91 -13.98
CA ARG A 100 -13.74 13.33 -14.71
C ARG A 100 -13.49 14.83 -14.58
N GLU A 101 -14.57 15.63 -14.60
CA GLU A 101 -14.35 17.08 -14.47
C GLU A 101 -13.92 17.44 -13.05
N ASP A 102 -14.44 16.74 -12.04
CA ASP A 102 -13.94 16.95 -10.68
C ASP A 102 -12.42 16.73 -10.65
N LEU A 103 -12.00 15.64 -11.29
CA LEU A 103 -10.57 15.33 -11.32
C LEU A 103 -9.78 16.38 -12.07
N HIS A 104 -10.39 16.81 -13.20
CA HIS A 104 -9.72 17.84 -13.99
C HIS A 104 -9.53 19.11 -13.18
N MET A 105 -10.59 19.51 -12.47
CA MET A 105 -10.50 20.70 -11.62
C MET A 105 -9.57 20.49 -10.43
N LEU A 106 -9.57 19.27 -9.88
CA LEU A 106 -8.69 18.97 -8.75
C LEU A 106 -7.23 19.24 -9.10
N GLN A 107 -6.83 18.84 -10.31
CA GLN A 107 -5.40 18.93 -10.66
C GLN A 107 -5.04 20.32 -11.12
N GLN A 108 -6.06 21.16 -11.24
CA GLN A 108 -5.86 22.58 -11.47
C GLN A 108 -5.67 23.21 -10.09
N THR A 109 -4.47 23.01 -9.55
CA THR A 109 -4.18 23.54 -8.22
C THR A 109 -3.94 25.06 -8.22
N ASN A 110 -4.03 25.66 -7.04
CA ASN A 110 -3.62 27.04 -6.83
C ASN A 110 -2.19 26.96 -6.26
N ASN A 111 -1.23 27.10 -7.16
CA ASN A 111 0.19 27.08 -6.79
C ASN A 111 0.50 25.81 -6.01
N GLY A 112 -0.08 24.71 -6.46
CA GLY A 112 0.23 23.43 -5.85
C GLY A 112 -0.78 23.04 -4.78
N GLN A 113 -1.57 24.01 -4.32
CA GLN A 113 -2.58 23.76 -3.29
C GLN A 113 -3.91 23.28 -3.86
N TYR A 114 -4.45 22.19 -3.32
CA TYR A 114 -5.71 21.62 -3.78
C TYR A 114 -6.93 22.36 -3.21
N ASN A 115 -7.95 22.41 -4.05
CA ASN A 115 -9.28 22.93 -3.81
C ASN A 115 -9.94 22.26 -2.60
N GLU A 116 -10.17 23.00 -1.52
CA GLU A 116 -10.79 22.38 -0.33
C GLU A 116 -12.18 21.81 -0.56
N ALA A 117 -12.99 22.46 -1.39
CA ALA A 117 -14.34 21.92 -1.62
C ALA A 117 -14.29 20.58 -2.33
N LEU A 118 -13.38 20.43 -3.29
CA LEU A 118 -13.27 19.15 -3.98
C LEU A 118 -12.75 18.08 -3.04
N VAL A 119 -11.83 18.44 -2.13
CA VAL A 119 -11.34 17.42 -1.19
C VAL A 119 -12.47 17.06 -0.23
N SER A 120 -13.28 18.07 0.10
CA SER A 120 -14.46 17.78 0.91
C SER A 120 -15.40 16.83 0.20
N LYS A 121 -15.55 17.02 -1.12
CA LYS A 121 -16.37 16.08 -1.89
C LYS A 121 -15.81 14.68 -1.80
N LEU A 122 -14.49 14.57 -1.95
CA LEU A 122 -13.83 13.26 -1.89
C LEU A 122 -14.13 12.57 -0.56
N ASN A 123 -14.01 13.31 0.53
CA ASN A 123 -14.30 12.76 1.85
C ASN A 123 -15.73 12.24 1.91
N ASN A 124 -16.62 13.07 1.34
CA ASN A 124 -18.03 12.69 1.35
C ASN A 124 -18.26 11.43 0.52
N LEU A 125 -17.52 11.23 -0.57
CA LEU A 125 -17.65 10.07 -1.43
C LEU A 125 -16.80 8.87 -1.02
N MET A 126 -15.78 9.05 -0.18
CA MET A 126 -15.00 7.86 0.18
C MET A 126 -15.16 7.44 1.63
N ASN A 127 -15.60 8.32 2.52
CA ASN A 127 -15.64 7.90 3.92
C ASN A 127 -16.62 6.75 4.13
N SER A 128 -16.24 5.90 5.09
CA SER A 128 -17.02 4.74 5.44
C SER A 128 -17.15 3.74 4.29
N ARG A 129 -16.31 3.77 3.25
CA ARG A 129 -16.35 2.79 2.19
C ARG A 129 -15.13 1.87 2.28
N ILE A 130 -15.36 0.60 1.94
CA ILE A 130 -14.26 -0.37 1.87
C ILE A 130 -13.81 -0.51 0.42
N TYR A 131 -12.51 -0.37 0.18
CA TYR A 131 -11.87 -0.59 -1.11
C TYR A 131 -10.99 -1.83 -1.01
N ARG A 132 -10.98 -2.62 -2.07
CA ARG A 132 -10.21 -3.85 -2.07
C ARG A 132 -9.20 -3.87 -3.21
N GLU A 133 -7.99 -4.36 -2.96
CA GLU A 133 -7.02 -4.51 -4.04
C GLU A 133 -6.89 -5.99 -4.33
N ASN A 134 -7.15 -6.46 -5.56
CA ASN A 134 -7.04 -7.89 -5.78
C ASN A 134 -5.61 -8.34 -6.03
N GLY A 135 -4.77 -7.39 -6.43
CA GLY A 135 -3.34 -7.72 -6.48
C GLY A 135 -2.76 -7.59 -5.08
N TYR A 136 -1.44 -7.61 -4.99
CA TYR A 136 -0.73 -7.35 -3.73
C TYR A 136 -0.72 -5.85 -3.47
N SER A 137 -0.44 -5.42 -2.24
CA SER A 137 -0.39 -3.98 -1.98
C SER A 137 1.00 -3.58 -1.48
N SER A 138 1.64 -2.68 -2.19
CA SER A 138 2.96 -2.21 -1.80
C SER A 138 2.82 -0.92 -0.99
N THR A 139 3.38 -0.86 0.19
CA THR A 139 3.23 0.27 1.11
C THR A 139 4.58 0.55 1.73
N GLN A 140 4.69 1.61 2.52
CA GLN A 140 5.97 1.89 3.19
C GLN A 140 5.75 2.38 4.61
N LEU A 141 6.74 2.06 5.46
CA LEU A 141 6.65 2.52 6.86
C LEU A 141 6.91 4.01 7.02
N VAL A 142 7.77 4.57 6.18
CA VAL A 142 8.09 6.00 6.20
C VAL A 142 7.59 6.65 4.92
N SER A 143 6.62 7.55 5.05
CA SER A 143 5.98 8.08 3.86
C SER A 143 7.00 8.81 2.99
N GLY A 144 7.10 8.48 1.72
CA GLY A 144 7.99 9.12 0.77
C GLY A 144 9.45 8.71 0.82
N ALA A 145 9.75 7.68 1.59
CA ALA A 145 11.13 7.21 1.67
C ALA A 145 11.62 6.78 0.29
N ALA A 146 12.70 7.43 -0.17
CA ALA A 146 13.33 7.08 -1.43
C ALA A 146 12.40 7.32 -2.61
N LEU A 147 11.31 8.05 -2.41
CA LEU A 147 10.37 8.32 -3.49
C LEU A 147 10.05 9.81 -3.62
N ALA A 148 9.83 10.21 -4.89
CA ALA A 148 9.40 11.59 -5.13
C ALA A 148 8.00 11.83 -4.58
N GLY A 149 7.70 13.08 -4.23
CA GLY A 149 6.37 13.42 -3.78
C GLY A 149 5.26 13.14 -4.77
N ARG A 150 4.08 12.80 -4.23
CA ARG A 150 2.90 12.54 -5.06
C ARG A 150 1.69 13.22 -4.43
N PRO A 151 0.65 13.44 -5.21
CA PRO A 151 -0.50 14.22 -4.71
C PRO A 151 -1.27 13.57 -3.56
N ILE A 152 -1.32 12.25 -3.54
CA ILE A 152 -2.15 11.53 -2.56
C ILE A 152 -1.28 10.65 -1.66
N GLU A 153 -1.59 10.69 -0.38
CA GLU A 153 -1.00 9.74 0.58
C GLU A 153 -2.12 8.88 1.17
N LEU A 154 -2.08 7.59 0.87
CA LEU A 154 -2.97 6.61 1.49
C LEU A 154 -2.30 6.15 2.78
N LYS A 155 -2.91 6.49 3.90
CA LYS A 155 -2.38 6.23 5.25
C LYS A 155 -3.19 5.12 5.87
N LEU A 156 -2.57 3.95 6.01
CA LEU A 156 -3.29 2.74 6.35
C LEU A 156 -2.94 2.19 7.73
N GLU A 157 -3.91 2.11 8.63
CA GLU A 157 -3.66 1.50 9.93
C GLU A 157 -3.74 -0.02 9.82
N LEU A 158 -2.66 -0.75 10.08
CA LEU A 158 -2.67 -2.20 10.03
C LEU A 158 -2.91 -2.76 11.42
N PRO A 159 -3.87 -3.62 11.59
CA PRO A 159 -4.08 -4.23 12.93
C PRO A 159 -2.87 -5.03 13.39
N LYS A 160 -2.66 -5.07 14.71
CA LYS A 160 -1.62 -5.96 15.21
C LYS A 160 -1.94 -7.39 14.82
N GLY A 161 -0.90 -8.12 14.42
CA GLY A 161 -1.07 -9.52 14.10
C GLY A 161 -1.57 -9.81 12.70
N THR A 162 -1.69 -8.80 11.83
CA THR A 162 -2.09 -9.06 10.44
C THR A 162 -0.88 -9.48 9.60
N LYS A 163 -1.13 -10.24 8.53
CA LYS A 163 -0.03 -10.69 7.68
C LYS A 163 0.63 -9.50 7.01
N ALA A 164 1.95 -9.43 7.06
CA ALA A 164 2.68 -8.34 6.39
C ALA A 164 4.16 -8.69 6.25
N ALA A 165 4.77 -8.40 5.12
CA ALA A 165 6.19 -8.67 4.95
C ALA A 165 6.98 -7.37 4.91
N TYR A 166 8.00 -7.25 5.78
CA TYR A 166 8.87 -6.10 5.61
C TYR A 166 10.00 -6.50 4.68
N ILE A 167 10.18 -5.74 3.61
CA ILE A 167 11.10 -6.23 2.60
C ILE A 167 12.25 -5.29 2.31
N ASP A 168 12.55 -4.31 3.16
CA ASP A 168 13.63 -3.39 2.83
C ASP A 168 14.98 -3.93 3.31
N SER A 169 15.46 -4.93 2.57
CA SER A 169 16.79 -5.52 2.71
C SER A 169 17.33 -5.74 1.31
N LYS A 170 18.65 -5.73 1.12
CA LYS A 170 19.15 -5.58 -0.24
C LYS A 170 18.97 -6.82 -1.08
N GLU A 171 18.78 -7.98 -0.45
CA GLU A 171 18.55 -9.18 -1.24
C GLU A 171 17.07 -9.44 -1.52
N LEU A 172 16.18 -8.64 -0.94
CA LEU A 172 14.74 -8.81 -1.07
C LEU A 172 14.11 -7.80 -2.05
N THR A 173 14.71 -6.60 -2.22
CA THR A 173 14.04 -5.61 -3.08
C THR A 173 14.96 -4.97 -4.10
N ALA A 174 14.45 -4.77 -5.31
CA ALA A 174 15.16 -4.08 -6.38
C ALA A 174 15.18 -2.58 -6.14
N TYR A 175 14.42 -2.16 -5.12
CA TYR A 175 14.26 -0.75 -4.80
C TYR A 175 14.51 -0.44 -3.32
N PRO A 176 15.74 -0.62 -2.88
CA PRO A 176 16.09 -0.44 -1.47
C PRO A 176 15.87 0.99 -0.99
N GLY A 177 15.56 1.11 0.30
CA GLY A 177 15.44 2.42 0.89
C GLY A 177 14.02 2.93 0.95
N GLN A 178 13.07 2.21 0.36
CA GLN A 178 11.68 2.61 0.39
C GLN A 178 10.97 2.20 1.68
N GLN A 179 11.66 1.48 2.57
CA GLN A 179 11.01 0.99 3.80
C GLN A 179 9.74 0.21 3.46
N GLU A 180 9.80 -0.61 2.41
CA GLU A 180 8.60 -1.25 1.90
C GLU A 180 8.05 -2.35 2.80
N VAL A 181 6.73 -2.31 2.96
CA VAL A 181 5.96 -3.38 3.58
C VAL A 181 5.04 -3.96 2.52
N LEU A 182 5.08 -5.25 2.27
CA LEU A 182 4.22 -5.88 1.26
C LEU A 182 3.01 -6.51 1.92
N LEU A 183 1.79 -6.17 1.55
CA LEU A 183 0.58 -6.76 2.13
C LEU A 183 -0.04 -7.82 1.22
N PRO A 184 -0.76 -8.78 1.79
CA PRO A 184 -1.40 -9.83 1.04
C PRO A 184 -2.31 -9.31 -0.07
N ARG A 185 -2.42 -10.14 -1.10
CA ARG A 185 -3.42 -9.87 -2.12
C ARG A 185 -4.80 -9.87 -1.46
N GLY A 186 -5.69 -9.02 -1.98
CA GLY A 186 -7.05 -9.01 -1.46
C GLY A 186 -7.17 -8.19 -0.18
N THR A 187 -6.21 -7.28 0.01
CA THR A 187 -6.27 -6.36 1.14
C THR A 187 -7.49 -5.46 1.00
N GLU A 188 -8.19 -5.28 2.11
CA GLU A 188 -9.32 -4.36 2.15
C GLU A 188 -9.08 -3.26 3.17
N TYR A 189 -9.46 -2.03 2.84
CA TYR A 189 -9.33 -0.95 3.81
C TYR A 189 -10.62 -0.12 3.79
N ALA A 190 -11.01 0.30 4.98
CA ALA A 190 -12.19 1.12 5.22
C ALA A 190 -11.74 2.56 5.49
N VAL A 191 -12.16 3.46 4.60
CA VAL A 191 -11.68 4.84 4.67
C VAL A 191 -12.34 5.58 5.82
N GLY A 192 -11.55 6.21 6.69
CA GLY A 192 -12.01 7.04 7.79
C GLY A 192 -12.23 8.48 7.35
N SER A 193 -11.29 9.03 6.57
CA SER A 193 -11.41 10.43 6.18
C SER A 193 -10.49 10.74 4.99
N VAL A 194 -10.82 11.83 4.34
CA VAL A 194 -9.98 12.43 3.31
C VAL A 194 -9.74 13.89 3.66
N LYS A 195 -8.49 14.26 3.93
CA LYS A 195 -8.15 15.60 4.37
C LYS A 195 -6.98 16.17 3.58
N LEU A 196 -6.80 17.49 3.64
CA LEU A 196 -5.59 18.11 3.09
C LEU A 196 -4.47 18.09 4.11
N SER A 197 -3.24 18.00 3.64
CA SER A 197 -2.01 17.94 4.38
C SER A 197 -1.78 19.11 5.32
N ASP A 198 -0.50 19.45 5.48
CA ASP A 198 -0.14 20.65 6.21
C ASP A 198 -0.51 21.86 5.37
N ASN A 199 0.11 21.86 4.23
CA ASN A 199 0.46 22.49 3.02
C ASN A 199 -0.73 22.82 2.12
N LYS A 200 -1.74 21.96 2.23
CA LYS A 200 -2.82 21.80 1.27
C LYS A 200 -2.27 21.27 -0.06
N ARG A 201 -1.04 20.78 -0.05
CA ARG A 201 -0.40 20.32 -1.28
C ARG A 201 -0.38 18.80 -1.33
N LYS A 202 -0.99 18.20 -0.32
CA LYS A 202 -1.08 16.74 -0.32
C LYS A 202 -2.48 16.33 0.12
N ILE A 203 -3.06 15.32 -0.52
CA ILE A 203 -4.35 14.81 -0.08
C ILE A 203 -4.14 13.53 0.73
N ILE A 204 -4.59 13.53 2.00
CA ILE A 204 -4.35 12.34 2.82
C ILE A 204 -5.66 11.56 3.03
N ILE A 205 -5.66 10.31 2.58
CA ILE A 205 -6.77 9.39 2.78
C ILE A 205 -6.39 8.44 3.91
N THR A 206 -7.06 8.54 5.05
CA THR A 206 -6.74 7.70 6.21
C THR A 206 -7.70 6.54 6.26
N ALA A 207 -7.22 5.31 6.42
CA ALA A 207 -8.10 4.14 6.38
C ALA A 207 -7.61 3.04 7.32
N VAL A 208 -8.51 2.12 7.63
CA VAL A 208 -8.19 0.96 8.46
C VAL A 208 -8.27 -0.35 7.68
N VAL A 209 -7.18 -1.10 7.68
CA VAL A 209 -7.14 -2.38 6.99
C VAL A 209 -7.78 -3.48 7.82
N PHE A 210 -8.52 -4.37 7.18
CA PHE A 210 -9.11 -5.54 7.82
C PHE A 210 -8.00 -6.57 8.05
N LYS A 211 -7.91 -7.13 9.25
CA LYS A 211 -6.89 -8.14 9.49
C LYS A 211 -7.05 -9.34 8.56
N LYS A 212 -5.89 -9.81 8.09
CA LYS A 212 -5.81 -11.03 7.31
C LYS A 212 -4.78 -11.99 7.93
#